data_5SSP
#
_entry.id   5SSP
#
_cell.length_a   88.693
_cell.length_b   88.693
_cell.length_c   39.334
_cell.angle_alpha   90.000
_cell.angle_beta   90.000
_cell.angle_gamma   90.000
#
_symmetry.space_group_name_H-M   'P 43'
#
loop_
_entity.id
_entity.type
_entity.pdbx_description
1 polymer 'Non-structural protein 3'
2 non-polymer '(1S,2S)-4-hydroxy-1-[(1H-indole-5-carbonyl)amino]-2,3-dihydro-1H-indene-2-carboxylic acid'
3 non-polymer '(1R,2R)-4-hydroxy-1-[(1H-indole-5-carbonyl)amino]-2,3-dihydro-1H-indene-2-carboxylic acid'
4 water water
#
_entity_poly.entity_id   1
_entity_poly.type   'polypeptide(L)'
_entity_poly.pdbx_seq_one_letter_code
;SMVNSFSGYLKLTDNVYIKNADIVEEAKKVKPTVVVNAANVYLKHGGGVAGALNKATNNAMQVESDDYIATNGPLKVGGS
CVLSGHNLAKHCLHVVGPNVNKGEDIQLLKSAYENFNQHEVLLAPLLSAGIFGADPIHSLRVCVDTVRTNVYLAVFDKNL
YDKLVSSFL
;
_entity_poly.pdbx_strand_id   A,B
#
# COMPACT_ATOMS: atom_id res chain seq x y z
N VAL A 3 22.49 -5.22 8.67
N VAL A 3 22.54 -5.38 8.58
CA VAL A 3 23.00 -6.21 7.72
CA VAL A 3 23.06 -6.30 7.57
C VAL A 3 21.96 -7.30 7.50
C VAL A 3 22.07 -7.47 7.39
N ASN A 4 21.75 -7.66 6.24
N ASN A 4 21.73 -7.78 6.15
CA ASN A 4 20.83 -8.74 5.87
CA ASN A 4 20.86 -8.90 5.77
C ASN A 4 21.54 -9.68 4.87
C ASN A 4 21.63 -9.84 4.82
N SER A 5 20.83 -10.74 4.46
N SER A 5 20.94 -10.86 4.32
CA SER A 5 21.42 -11.89 3.75
CA SER A 5 21.51 -12.00 3.60
C SER A 5 21.37 -11.85 2.20
C SER A 5 21.34 -11.91 2.08
N PHE A 6 20.81 -10.81 1.56
CA PHE A 6 20.71 -10.66 0.11
C PHE A 6 22.08 -10.38 -0.49
N SER A 7 22.42 -11.10 -1.52
N SER A 7 22.45 -11.05 -1.63
CA SER A 7 23.77 -11.08 -1.95
CA SER A 7 23.79 -10.82 -2.23
C SER A 7 23.75 -10.83 -3.45
C SER A 7 23.77 -10.51 -3.74
N GLY A 8 24.69 -10.02 -3.89
N GLY A 8 24.72 -9.63 -4.15
CA GLY A 8 24.82 -9.80 -5.31
CA GLY A 8 24.96 -9.30 -5.56
C GLY A 8 23.91 -8.75 -5.91
C GLY A 8 23.95 -8.36 -6.15
N TYR A 9 23.28 -7.91 -5.09
N TYR A 9 23.26 -7.60 -5.31
CA TYR A 9 22.41 -6.88 -5.62
CA TYR A 9 22.26 -6.64 -5.77
C TYR A 9 23.21 -5.64 -6.01
C TYR A 9 22.92 -5.30 -6.09
N LEU A 10 22.74 -4.97 -7.05
N LEU A 10 22.51 -4.70 -7.21
CA LEU A 10 23.19 -3.63 -7.38
CA LEU A 10 22.91 -3.35 -7.57
C LEU A 10 22.29 -2.66 -6.64
C LEU A 10 22.13 -2.35 -6.70
N LYS A 11 22.92 -1.65 -6.03
N LYS A 11 22.85 -1.46 -5.99
CA LYS A 11 22.22 -0.64 -5.25
CA LYS A 11 22.21 -0.47 -5.14
C LYS A 11 21.78 0.47 -6.21
C LYS A 11 21.73 0.67 -6.04
N LEU A 12 20.48 0.72 -6.26
N LEU A 12 20.41 0.77 -6.23
CA LEU A 12 19.98 1.80 -7.10
CA LEU A 12 19.83 1.79 -7.11
C LEU A 12 19.81 3.11 -6.36
C LEU A 12 19.68 3.11 -6.37
N THR A 13 19.31 3.05 -5.12
N THR A 13 19.15 3.04 -5.16
CA THR A 13 19.07 4.22 -4.30
CA THR A 13 18.97 4.21 -4.31
C THR A 13 19.39 3.83 -2.88
C THR A 13 19.37 3.84 -2.90
N ASP A 14 19.09 4.76 -1.99
CA ASP A 14 19.26 4.49 -0.57
C ASP A 14 18.59 3.18 -0.16
N ASN A 15 17.43 2.86 -0.77
CA ASN A 15 16.61 1.76 -0.26
C ASN A 15 16.19 0.72 -1.30
N VAL A 16 16.53 0.90 -2.57
CA VAL A 16 16.12 -0.01 -3.65
C VAL A 16 17.36 -0.67 -4.25
N TYR A 17 17.28 -1.99 -4.35
CA TYR A 17 18.33 -2.85 -4.87
C TYR A 17 17.74 -3.74 -5.96
N ILE A 18 18.61 -4.22 -6.82
N ILE A 18 18.56 -4.20 -6.91
CA ILE A 18 18.13 -4.98 -7.95
CA ILE A 18 18.01 -4.97 -8.04
C ILE A 18 19.13 -6.05 -8.34
C ILE A 18 19.04 -5.98 -8.56
N LYS A 19 18.61 -7.18 -8.81
N LYS A 19 18.56 -7.13 -9.02
CA LYS A 19 19.42 -8.32 -9.16
CA LYS A 19 19.42 -8.21 -9.49
C LYS A 19 18.74 -9.10 -10.27
C LYS A 19 18.67 -9.01 -10.57
N ASN A 20 19.53 -9.64 -11.20
N ASN A 20 19.43 -9.58 -11.51
CA ASN A 20 19.02 -10.59 -12.18
CA ASN A 20 18.85 -10.49 -12.52
C ASN A 20 18.90 -11.93 -11.47
C ASN A 20 18.80 -11.88 -11.88
N ALA A 21 17.68 -12.33 -11.13
N ALA A 21 17.62 -12.28 -11.41
CA ALA A 21 17.50 -13.55 -10.37
CA ALA A 21 17.50 -13.54 -10.70
C ALA A 21 16.07 -14.06 -10.56
C ALA A 21 16.04 -14.02 -10.75
N ASP A 22 15.92 -15.37 -10.38
N ASP A 22 15.88 -15.33 -10.59
CA ASP A 22 14.63 -16.03 -10.32
CA ASP A 22 14.56 -15.95 -10.45
C ASP A 22 14.07 -15.85 -8.92
C ASP A 22 14.10 -15.79 -9.00
N ILE A 23 12.99 -15.06 -8.79
CA ILE A 23 12.49 -14.76 -7.44
C ILE A 23 12.21 -16.04 -6.63
N VAL A 24 11.84 -17.15 -7.28
N VAL A 24 11.79 -17.12 -7.30
CA VAL A 24 11.61 -18.42 -6.59
CA VAL A 24 11.59 -18.41 -6.62
C VAL A 24 12.90 -18.94 -5.96
C VAL A 24 12.90 -18.87 -5.98
N GLU A 25 13.97 -18.97 -6.76
N GLU A 25 13.98 -18.85 -6.77
CA GLU A 25 15.26 -19.45 -6.26
CA GLU A 25 15.30 -19.30 -6.31
C GLU A 25 15.82 -18.52 -5.21
C GLU A 25 15.90 -18.33 -5.29
N GLU A 26 15.64 -17.21 -5.40
N GLU A 26 15.65 -17.03 -5.44
CA GLU A 26 16.11 -16.26 -4.41
CA GLU A 26 16.09 -16.06 -4.45
C GLU A 26 15.39 -16.45 -3.10
C GLU A 26 15.36 -16.26 -3.13
N ALA A 27 14.07 -16.61 -3.18
CA ALA A 27 13.32 -16.84 -1.95
C ALA A 27 13.76 -18.13 -1.29
N LYS A 28 13.94 -19.20 -2.08
CA LYS A 28 14.38 -20.48 -1.51
C LYS A 28 15.72 -20.38 -0.79
N LYS A 29 16.56 -19.45 -1.16
N LYS A 29 16.60 -19.50 -1.31
CA LYS A 29 17.89 -19.35 -0.56
CA LYS A 29 17.95 -19.29 -0.76
C LYS A 29 17.93 -18.35 0.58
C LYS A 29 17.94 -18.37 0.47
N VAL A 30 17.26 -17.22 0.39
CA VAL A 30 17.26 -16.20 1.45
C VAL A 30 16.24 -16.51 2.54
N LYS A 31 15.09 -17.06 2.19
CA LYS A 31 13.98 -17.22 3.13
C LYS A 31 13.66 -15.87 3.77
N PRO A 32 13.36 -14.86 2.96
CA PRO A 32 13.10 -13.52 3.50
C PRO A 32 11.86 -13.52 4.38
N THR A 33 11.78 -12.49 5.22
CA THR A 33 10.57 -12.26 6.01
C THR A 33 9.35 -12.10 5.11
N VAL A 34 9.50 -11.36 4.00
CA VAL A 34 8.42 -11.08 3.06
C VAL A 34 8.89 -11.31 1.63
N VAL A 35 8.17 -12.15 0.89
CA VAL A 35 8.25 -12.20 -0.56
C VAL A 35 6.96 -11.62 -1.12
N VAL A 36 7.07 -10.76 -2.13
CA VAL A 36 5.91 -10.17 -2.79
C VAL A 36 5.51 -11.04 -3.97
N ASN A 37 4.22 -11.33 -4.06
CA ASN A 37 3.64 -11.96 -5.23
C ASN A 37 2.94 -10.93 -6.11
N ALA A 38 3.12 -11.08 -7.41
CA ALA A 38 2.39 -10.32 -8.42
C ALA A 38 1.03 -10.97 -8.63
N ALA A 39 0.11 -10.65 -7.73
CA ALA A 39 -1.20 -11.29 -7.66
C ALA A 39 -2.22 -10.59 -8.56
N ASN A 40 -3.33 -11.29 -8.80
CA ASN A 40 -4.56 -10.68 -9.30
C ASN A 40 -5.60 -10.67 -8.19
N VAL A 41 -6.73 -9.98 -8.43
CA VAL A 41 -7.70 -9.75 -7.37
C VAL A 41 -8.34 -11.03 -6.87
N TYR A 42 -8.32 -12.09 -7.68
CA TYR A 42 -8.91 -13.37 -7.32
C TYR A 42 -7.90 -14.30 -6.67
N LEU A 43 -6.65 -13.88 -6.55
CA LEU A 43 -5.56 -14.74 -6.08
C LEU A 43 -5.52 -16.06 -6.85
N LYS A 44 -5.73 -16.02 -8.16
N LYS A 44 -5.78 -15.96 -8.16
CA LYS A 44 -5.58 -17.19 -9.02
CA LYS A 44 -5.69 -17.10 -9.07
C LYS A 44 -4.17 -17.15 -9.58
C LYS A 44 -4.28 -17.10 -9.67
N HIS A 45 -3.31 -18.04 -9.08
N HIS A 45 -3.40 -17.93 -9.10
CA HIS A 45 -1.88 -17.97 -9.33
CA HIS A 45 -1.96 -17.92 -9.44
C HIS A 45 -1.50 -18.86 -10.52
C HIS A 45 -1.71 -18.86 -10.62
N GLY A 46 -1.92 -18.43 -11.70
N GLY A 46 -1.87 -18.33 -11.83
CA GLY A 46 -1.84 -19.31 -12.86
CA GLY A 46 -1.71 -19.14 -13.03
C GLY A 46 -0.57 -19.23 -13.67
C GLY A 46 -0.36 -18.99 -13.72
N GLY A 47 0.07 -18.07 -13.68
N GLY A 47 0.12 -17.76 -13.94
CA GLY A 47 1.22 -17.86 -14.54
CA GLY A 47 1.34 -17.56 -14.70
C GLY A 47 2.03 -16.67 -14.07
C GLY A 47 2.23 -16.49 -14.12
N GLY A 48 3.06 -16.35 -14.83
N GLY A 48 3.41 -16.32 -14.71
CA GLY A 48 3.97 -15.30 -14.42
CA GLY A 48 4.37 -15.31 -14.27
C GLY A 48 4.61 -15.62 -13.09
C GLY A 48 4.86 -15.58 -12.84
N VAL A 49 4.95 -14.57 -12.35
N VAL A 49 5.17 -14.49 -12.13
CA VAL A 49 5.53 -14.74 -11.02
CA VAL A 49 5.63 -14.59 -10.74
C VAL A 49 4.62 -15.56 -10.13
C VAL A 49 4.69 -15.47 -9.92
N ALA A 50 3.31 -15.29 -10.15
N ALA A 50 3.39 -15.18 -9.99
CA ALA A 50 2.39 -15.98 -9.24
CA ALA A 50 2.39 -15.90 -9.20
C ALA A 50 2.36 -17.47 -9.53
C ALA A 50 2.38 -17.40 -9.49
N GLY A 51 2.26 -17.84 -10.80
N GLY A 51 2.36 -17.78 -10.78
CA GLY A 51 2.27 -19.26 -11.13
CA GLY A 51 2.39 -19.20 -11.11
C GLY A 51 3.53 -19.94 -10.68
C GLY A 51 3.70 -19.84 -10.70
N ALA A 52 4.68 -19.26 -10.81
N ALA A 52 4.81 -19.13 -10.86
CA ALA A 52 5.95 -19.83 -10.40
CA ALA A 52 6.12 -19.65 -10.47
C ALA A 52 6.05 -19.96 -8.89
C ALA A 52 6.19 -19.87 -8.97
N LEU A 53 5.69 -18.91 -8.15
N LEU A 53 5.76 -18.88 -8.18
CA LEU A 53 5.72 -19.00 -6.69
CA LEU A 53 5.79 -19.04 -6.73
C LEU A 53 4.79 -20.09 -6.23
C LEU A 53 4.83 -20.15 -6.30
N ASN A 54 3.59 -20.15 -6.81
CA ASN A 54 2.64 -21.16 -6.37
C ASN A 54 3.15 -22.57 -6.66
N LYS A 55 3.70 -22.80 -7.84
N LYS A 55 3.74 -22.77 -7.85
CA LYS A 55 4.24 -24.11 -8.16
CA LYS A 55 4.27 -24.08 -8.23
C LYS A 55 5.32 -24.51 -7.17
C LYS A 55 5.34 -24.52 -7.24
N ALA A 56 6.17 -23.57 -6.80
CA ALA A 56 7.24 -23.88 -5.85
C ALA A 56 6.70 -24.28 -4.47
N THR A 57 5.48 -23.85 -4.12
CA THR A 57 4.80 -24.27 -2.89
C THR A 57 3.99 -25.55 -3.07
N ASN A 58 4.09 -26.22 -4.21
CA ASN A 58 3.32 -27.44 -4.45
C ASN A 58 1.82 -27.17 -4.37
N ASN A 59 1.39 -25.97 -4.79
CA ASN A 59 -0.01 -25.53 -4.83
C ASN A 59 -0.56 -25.16 -3.44
N ALA A 60 0.26 -25.19 -2.39
CA ALA A 60 -0.26 -24.78 -1.09
C ALA A 60 -0.64 -23.32 -1.05
N MET A 61 0.09 -22.47 -1.78
CA MET A 61 -0.29 -21.06 -1.89
C MET A 61 -1.71 -20.91 -2.47
N GLN A 62 -2.02 -21.67 -3.52
CA GLN A 62 -3.35 -21.58 -4.12
C GLN A 62 -4.44 -22.05 -3.16
N VAL A 63 -4.19 -23.15 -2.43
CA VAL A 63 -5.17 -23.66 -1.48
C VAL A 63 -5.47 -22.61 -0.41
N GLU A 64 -4.42 -22.02 0.16
CA GLU A 64 -4.61 -20.98 1.16
C GLU A 64 -5.34 -19.78 0.58
N SER A 65 -4.97 -19.41 -0.65
CA SER A 65 -5.59 -18.26 -1.31
C SER A 65 -7.08 -18.48 -1.56
N ASP A 66 -7.46 -19.68 -1.97
CA ASP A 66 -8.86 -19.96 -2.23
C ASP A 66 -9.69 -19.82 -0.96
N ASP A 67 -9.16 -20.29 0.17
CA ASP A 67 -9.85 -20.08 1.45
C ASP A 67 -9.94 -18.59 1.78
N TYR A 68 -8.88 -17.82 1.53
CA TYR A 68 -8.91 -16.38 1.79
C TYR A 68 -10.03 -15.70 0.99
N ILE A 69 -10.12 -16.01 -0.30
CA ILE A 69 -11.14 -15.39 -1.16
C ILE A 69 -12.54 -15.83 -0.74
N ALA A 70 -12.71 -17.11 -0.41
CA ALA A 70 -14.01 -17.60 0.03
C ALA A 70 -14.50 -16.83 1.26
N THR A 71 -13.58 -16.43 2.13
CA THR A 71 -13.95 -15.69 3.34
C THR A 71 -14.10 -14.19 3.10
N ASN A 72 -13.20 -13.60 2.32
CA ASN A 72 -13.06 -12.14 2.25
C ASN A 72 -13.48 -11.52 0.93
N GLY A 73 -13.67 -12.30 -0.13
CA GLY A 73 -13.91 -11.76 -1.44
C GLY A 73 -12.63 -11.25 -2.06
N PRO A 74 -12.73 -10.75 -3.28
CA PRO A 74 -11.55 -10.34 -4.03
C PRO A 74 -10.85 -9.13 -3.42
N LEU A 75 -9.56 -9.02 -3.75
CA LEU A 75 -8.82 -7.81 -3.46
C LEU A 75 -9.26 -6.70 -4.42
N LYS A 76 -8.78 -5.49 -4.13
CA LYS A 76 -8.86 -4.33 -5.01
C LYS A 76 -7.61 -4.27 -5.87
N VAL A 77 -7.75 -3.80 -7.12
CA VAL A 77 -6.56 -3.43 -7.88
C VAL A 77 -5.86 -2.30 -7.14
N GLY A 78 -4.57 -2.45 -6.87
CA GLY A 78 -3.81 -1.55 -6.03
C GLY A 78 -3.71 -2.02 -4.60
N GLY A 79 -4.46 -3.08 -4.23
CA GLY A 79 -4.48 -3.57 -2.86
C GLY A 79 -3.59 -4.79 -2.64
N SER A 80 -3.68 -5.32 -1.43
CA SER A 80 -2.80 -6.42 -1.02
C SER A 80 -3.42 -7.18 0.13
N CYS A 81 -2.86 -8.37 0.37
CA CYS A 81 -3.10 -9.08 1.61
C CYS A 81 -1.84 -9.85 2.00
N VAL A 82 -1.68 -10.12 3.29
CA VAL A 82 -0.57 -10.89 3.82
C VAL A 82 -1.05 -12.31 4.09
N LEU A 83 -0.40 -13.28 3.47
CA LEU A 83 -0.67 -14.68 3.72
C LEU A 83 0.66 -15.37 4.04
N SER A 84 0.60 -16.69 4.20
CA SER A 84 1.80 -17.45 4.49
C SER A 84 2.80 -17.39 3.35
N GLY A 85 4.10 -17.43 3.69
CA GLY A 85 5.13 -17.60 2.69
C GLY A 85 5.48 -19.05 2.41
N HIS A 86 4.82 -19.98 3.10
CA HIS A 86 5.02 -21.42 2.85
C HIS A 86 6.50 -21.74 2.97
N ASN A 87 7.08 -22.46 2.02
CA ASN A 87 8.47 -22.86 2.04
C ASN A 87 9.40 -21.78 1.47
N LEU A 88 8.87 -20.63 1.09
CA LEU A 88 9.65 -19.61 0.40
C LEU A 88 10.05 -18.43 1.26
N ALA A 89 9.28 -18.12 2.30
CA ALA A 89 9.43 -16.90 3.10
C ALA A 89 8.56 -17.07 4.34
N LYS A 90 8.72 -16.19 5.34
N LYS A 90 8.75 -16.18 5.32
CA LYS A 90 7.79 -16.19 6.46
CA LYS A 90 7.82 -16.19 6.43
C LYS A 90 6.40 -15.82 6.00
C LYS A 90 6.42 -15.84 5.96
N HIS A 91 6.30 -14.73 5.23
CA HIS A 91 5.04 -14.20 4.74
C HIS A 91 5.12 -13.96 3.24
N CYS A 92 3.98 -14.06 2.56
CA CYS A 92 3.84 -13.58 1.20
C CYS A 92 2.88 -12.40 1.21
N LEU A 93 3.36 -11.26 0.72
CA LEU A 93 2.51 -10.10 0.47
C LEU A 93 2.01 -10.18 -0.96
N HIS A 94 0.73 -10.52 -1.12
CA HIS A 94 0.10 -10.59 -2.44
C HIS A 94 -0.33 -9.18 -2.81
N VAL A 95 0.28 -8.60 -3.84
CA VAL A 95 0.01 -7.23 -4.25
C VAL A 95 -0.54 -7.23 -5.67
N VAL A 96 -1.65 -6.52 -5.89
CA VAL A 96 -2.31 -6.45 -7.18
C VAL A 96 -1.91 -5.15 -7.87
N GLY A 97 -0.99 -5.22 -8.82
CA GLY A 97 -0.76 -4.13 -9.73
C GLY A 97 -1.79 -4.15 -10.83
N PRO A 98 -2.02 -3.00 -11.48
CA PRO A 98 -2.92 -2.99 -12.64
C PRO A 98 -2.38 -3.85 -13.78
N ASN A 99 -3.29 -4.57 -14.43
CA ASN A 99 -2.96 -5.40 -15.60
C ASN A 99 -3.43 -4.65 -16.84
N VAL A 100 -2.45 -4.12 -17.59
CA VAL A 100 -2.72 -3.37 -18.82
C VAL A 100 -3.46 -4.23 -19.84
N ASN A 101 -3.20 -5.53 -19.82
N ASN A 101 -3.13 -5.54 -19.90
CA ASN A 101 -3.94 -6.40 -20.72
CA ASN A 101 -3.80 -6.47 -20.84
C ASN A 101 -5.40 -6.59 -20.28
C ASN A 101 -5.26 -6.74 -20.46
N LYS A 102 -5.82 -6.01 -19.15
N LYS A 102 -5.71 -6.30 -19.29
CA LYS A 102 -7.23 -5.92 -18.78
CA LYS A 102 -7.12 -6.28 -18.90
C LYS A 102 -7.75 -4.47 -18.82
C LYS A 102 -7.73 -4.87 -18.94
N GLY A 103 -6.93 -3.51 -19.23
N GLY A 103 -6.94 -3.86 -19.32
CA GLY A 103 -7.38 -2.13 -19.32
CA GLY A 103 -7.41 -2.48 -19.39
C GLY A 103 -7.37 -1.37 -18.02
C GLY A 103 -7.51 -1.71 -18.08
N GLU A 104 -6.64 -1.83 -17.01
N GLU A 104 -6.69 -2.03 -17.06
CA GLU A 104 -6.68 -1.21 -15.70
CA GLU A 104 -6.73 -1.36 -15.76
C GLU A 104 -5.77 0.00 -15.64
C GLU A 104 -5.85 -0.09 -15.71
N ASP A 105 -6.17 0.97 -14.81
N ASP A 105 -6.24 0.85 -14.82
CA ASP A 105 -5.56 2.29 -14.81
CA ASP A 105 -5.62 2.19 -14.75
C ASP A 105 -4.17 2.17 -14.22
C ASP A 105 -4.18 2.09 -14.22
N ILE A 106 -3.21 2.53 -15.04
CA ILE A 106 -1.78 2.48 -14.67
C ILE A 106 -1.48 3.35 -13.44
N GLN A 107 -2.21 4.42 -13.20
N GLN A 107 -2.29 4.40 -13.20
CA GLN A 107 -1.98 5.22 -12.01
CA GLN A 107 -2.15 5.27 -12.03
C GLN A 107 -2.14 4.38 -10.75
C GLN A 107 -2.30 4.47 -10.75
N LEU A 108 -2.88 3.26 -10.84
CA LEU A 108 -3.02 2.41 -9.67
C LEU A 108 -1.70 1.74 -9.31
N LEU A 109 -0.68 1.85 -10.16
CA LEU A 109 0.60 1.23 -9.85
C LEU A 109 1.23 1.85 -8.60
N LYS A 110 1.12 3.18 -8.43
CA LYS A 110 1.67 3.81 -7.23
C LYS A 110 0.99 3.27 -5.98
N SER A 111 -0.35 3.16 -6.01
CA SER A 111 -1.07 2.60 -4.88
C SER A 111 -0.60 1.19 -4.56
N ALA A 112 -0.35 0.39 -5.61
CA ALA A 112 0.12 -0.97 -5.39
C ALA A 112 1.46 -0.98 -4.66
N TYR A 113 2.40 -0.14 -5.12
CA TYR A 113 3.71 -0.08 -4.45
C TYR A 113 3.62 0.45 -3.02
N GLU A 114 2.63 1.29 -2.70
CA GLU A 114 2.51 1.79 -1.33
C GLU A 114 2.36 0.65 -0.33
N ASN A 115 1.80 -0.48 -0.74
CA ASN A 115 1.68 -1.60 0.18
C ASN A 115 3.04 -2.04 0.71
N PHE A 116 4.10 -1.86 -0.09
CA PHE A 116 5.42 -2.30 0.36
C PHE A 116 5.89 -1.54 1.60
N ASN A 117 5.39 -0.31 1.79
CA ASN A 117 5.84 0.52 2.92
C ASN A 117 5.42 -0.01 4.27
N GLN A 118 4.53 -1.00 4.31
CA GLN A 118 4.12 -1.59 5.56
C GLN A 118 5.10 -2.67 6.03
N HIS A 119 6.19 -2.90 5.30
CA HIS A 119 7.16 -3.96 5.60
C HIS A 119 8.57 -3.41 5.49
N GLU A 120 9.39 -3.70 6.51
CA GLU A 120 10.70 -3.06 6.57
C GLU A 120 11.63 -3.53 5.45
N VAL A 121 11.54 -4.80 5.08
CA VAL A 121 12.39 -5.39 4.05
C VAL A 121 11.54 -6.37 3.23
N LEU A 122 11.70 -6.34 1.90
CA LEU A 122 10.94 -7.22 1.03
C LEU A 122 11.80 -7.70 -0.13
N LEU A 123 11.54 -8.93 -0.53
N LEU A 123 11.61 -8.97 -0.51
CA LEU A 123 11.97 -9.45 -1.82
CA LEU A 123 12.10 -9.51 -1.78
C LEU A 123 10.77 -9.33 -2.77
C LEU A 123 10.92 -9.48 -2.74
N ALA A 124 10.97 -8.75 -3.95
N ALA A 124 11.01 -8.71 -3.82
CA ALA A 124 9.82 -8.43 -4.77
CA ALA A 124 9.82 -8.42 -4.60
C ALA A 124 10.14 -8.47 -6.26
C ALA A 124 10.09 -8.42 -6.10
N PRO A 125 9.14 -8.71 -7.09
N PRO A 125 9.03 -8.50 -6.90
CA PRO A 125 9.24 -8.46 -8.52
CA PRO A 125 9.15 -8.35 -8.35
C PRO A 125 8.79 -7.05 -8.83
C PRO A 125 8.87 -6.90 -8.75
N LEU A 126 9.06 -6.61 -10.05
N LEU A 126 9.35 -6.49 -9.93
CA LEU A 126 8.52 -5.35 -10.53
CA LEU A 126 8.94 -5.21 -10.50
C LEU A 126 7.01 -5.48 -10.79
C LEU A 126 7.47 -5.31 -10.89
N LEU A 127 6.23 -4.71 -10.05
N LEU A 127 6.61 -4.50 -10.29
CA LEU A 127 4.77 -4.81 -10.17
CA LEU A 127 5.17 -4.66 -10.47
C LEU A 127 4.30 -4.37 -11.55
C LEU A 127 4.70 -4.27 -11.87
N SER A 128 3.30 -5.09 -12.05
N SER A 128 3.67 -4.96 -12.36
CA SER A 128 2.66 -4.87 -13.33
CA SER A 128 2.99 -4.69 -13.62
C SER A 128 3.56 -5.17 -14.52
C SER A 128 3.86 -4.92 -14.86
N ALA A 129 4.77 -5.70 -14.29
N ALA A 129 5.00 -5.59 -14.72
CA ALA A 129 5.66 -6.09 -15.38
CA ALA A 129 5.90 -5.88 -15.83
C ALA A 129 5.24 -7.45 -15.94
C ALA A 129 5.53 -7.24 -16.43
N GLY A 130 6.03 -7.99 -16.86
N GLY A 130 6.36 -7.74 -17.34
CA GLY A 130 5.76 -9.32 -17.39
CA GLY A 130 6.10 -9.06 -17.95
C GLY A 130 4.37 -9.39 -18.01
C GLY A 130 4.67 -9.12 -18.51
N ILE A 131 3.63 -10.45 -17.69
N ILE A 131 3.94 -10.19 -18.20
CA ILE A 131 2.33 -10.67 -18.30
CA ILE A 131 2.62 -10.44 -18.78
C ILE A 131 1.27 -9.65 -17.86
C ILE A 131 1.53 -9.48 -18.26
N PHE A 132 1.58 -8.78 -16.90
N PHE A 132 1.87 -8.58 -17.31
CA PHE A 132 0.65 -7.71 -16.55
CA PHE A 132 0.94 -7.54 -16.88
C PHE A 132 0.73 -6.53 -17.53
C PHE A 132 0.88 -6.37 -17.87
N GLY A 133 1.73 -6.51 -18.41
N GLY A 133 1.85 -6.26 -18.78
CA GLY A 133 1.69 -5.65 -19.57
CA GLY A 133 1.76 -5.36 -19.93
C GLY A 133 2.22 -4.24 -19.42
C GLY A 133 2.08 -3.90 -19.71
N ALA A 134 2.67 -3.82 -18.24
N ALA A 134 2.59 -3.50 -18.55
CA ALA A 134 3.21 -2.48 -18.10
CA ALA A 134 2.99 -2.09 -18.37
C ALA A 134 4.67 -2.45 -18.54
C ALA A 134 4.46 -1.90 -18.72
N ASP A 135 5.16 -1.23 -18.76
N ASP A 135 4.88 -0.63 -18.85
CA ASP A 135 6.57 -1.01 -19.08
CA ASP A 135 6.29 -0.30 -19.16
C ASP A 135 7.39 -1.21 -17.81
C ASP A 135 7.14 -0.60 -17.93
N PRO A 136 8.31 -2.19 -17.76
N PRO A 136 8.12 -1.49 -18.02
CA PRO A 136 9.09 -2.39 -16.53
CA PRO A 136 8.95 -1.79 -16.84
C PRO A 136 9.96 -1.21 -16.14
C PRO A 136 9.82 -0.63 -16.39
N ILE A 137 10.43 -0.41 -17.10
N ILE A 137 10.30 0.21 -17.31
CA ILE A 137 11.20 0.79 -16.75
CA ILE A 137 11.12 1.37 -16.92
C ILE A 137 10.33 1.75 -15.96
C ILE A 137 10.27 2.32 -16.07
N HIS A 138 9.08 1.91 -16.36
N HIS A 138 9.01 2.53 -16.46
CA HIS A 138 8.15 2.73 -15.60
CA HIS A 138 8.10 3.34 -15.65
C HIS A 138 7.88 2.14 -14.23
C HIS A 138 7.84 2.69 -14.30
N SER A 139 7.68 0.81 -14.15
N SER A 139 7.66 1.37 -14.27
CA SER A 139 7.44 0.18 -12.86
CA SER A 139 7.41 0.69 -13.00
C SER A 139 8.59 0.45 -11.90
C SER A 139 8.58 0.81 -12.04
N LEU A 140 9.83 0.37 -12.39
N LEU A 140 9.81 0.62 -12.53
CA LEU A 140 10.97 0.66 -11.53
CA LEU A 140 10.96 0.77 -11.66
C LEU A 140 10.97 2.14 -11.09
C LEU A 140 11.01 2.17 -11.14
N ARG A 141 10.63 3.11 -11.99
CA ARG A 141 10.60 4.52 -11.58
C ARG A 141 9.57 4.74 -10.47
N VAL A 142 8.36 4.18 -10.65
CA VAL A 142 7.33 4.31 -9.62
C VAL A 142 7.80 3.65 -8.33
N CYS A 143 8.42 2.47 -8.44
CA CYS A 143 8.94 1.81 -7.25
C CYS A 143 9.89 2.72 -6.48
N VAL A 144 10.90 3.26 -7.16
CA VAL A 144 11.90 4.09 -6.50
C VAL A 144 11.28 5.33 -5.91
N ASP A 145 10.27 5.90 -6.56
CA ASP A 145 9.63 7.13 -6.11
C ASP A 145 8.52 6.90 -5.09
N THR A 146 8.19 5.65 -4.75
CA THR A 146 7.07 5.34 -3.86
C THR A 146 7.50 4.55 -2.63
N VAL A 147 8.34 3.54 -2.81
CA VAL A 147 8.73 2.67 -1.72
C VAL A 147 9.85 3.33 -0.93
N ARG A 148 9.67 3.38 0.38
CA ARG A 148 10.64 3.95 1.31
C ARG A 148 11.32 2.90 2.15
N THR A 149 10.76 1.69 2.23
CA THR A 149 11.36 0.58 2.93
C THR A 149 12.37 -0.12 2.00
N ASN A 150 13.07 -1.10 2.53
CA ASN A 150 14.18 -1.72 1.78
C ASN A 150 13.66 -2.82 0.88
N VAL A 151 13.78 -2.63 -0.42
CA VAL A 151 13.23 -3.54 -1.40
C VAL A 151 14.34 -4.09 -2.28
N TYR A 152 14.35 -5.41 -2.39
CA TYR A 152 15.28 -6.20 -3.19
C TYR A 152 14.48 -6.74 -4.36
N LEU A 153 14.72 -6.17 -5.51
N LEU A 153 14.68 -6.15 -5.54
CA LEU A 153 13.99 -6.52 -6.70
CA LEU A 153 13.90 -6.52 -6.72
C LEU A 153 14.70 -7.61 -7.47
C LEU A 153 14.62 -7.61 -7.52
N ALA A 154 13.96 -8.66 -7.79
N ALA A 154 13.97 -8.76 -7.69
CA ALA A 154 14.45 -9.77 -8.60
CA ALA A 154 14.49 -9.86 -8.49
C ALA A 154 13.85 -9.64 -9.99
C ALA A 154 13.81 -9.85 -9.87
N VAL A 155 14.73 -9.59 -10.99
N VAL A 155 14.62 -9.67 -10.92
CA VAL A 155 14.32 -9.48 -12.38
CA VAL A 155 14.12 -9.54 -12.29
C VAL A 155 14.77 -10.75 -13.09
C VAL A 155 14.44 -10.83 -13.04
N PHE A 156 13.79 -11.54 -13.56
N PHE A 156 13.41 -11.56 -13.49
CA PHE A 156 14.09 -12.86 -14.12
CA PHE A 156 13.62 -12.87 -14.13
C PHE A 156 14.89 -12.75 -15.41
C PHE A 156 14.35 -12.73 -15.47
N ASP A 157 14.53 -11.82 -16.30
N ASP A 157 13.88 -11.83 -16.32
CA ASP A 157 15.12 -11.75 -17.63
CA ASP A 157 14.36 -11.73 -17.71
C ASP A 157 16.41 -10.93 -17.60
C ASP A 157 15.72 -11.01 -17.79
N LYS A 158 17.53 -11.57 -17.97
N LYS A 158 16.73 -11.73 -18.30
CA LYS A 158 18.81 -10.88 -17.95
CA LYS A 158 18.08 -11.18 -18.39
C LYS A 158 18.81 -9.68 -18.89
C LYS A 158 18.13 -9.92 -19.26
N ASN A 159 18.27 -9.85 -20.09
N ASN A 159 17.50 -9.97 -20.43
CA ASN A 159 18.23 -8.73 -21.04
CA ASN A 159 17.49 -8.79 -21.30
C ASN A 159 17.46 -7.56 -20.48
C ASN A 159 16.76 -7.61 -20.67
N LEU A 160 16.35 -7.83 -19.79
N LEU A 160 15.65 -7.85 -19.96
CA LEU A 160 15.60 -6.74 -19.16
CA LEU A 160 14.98 -6.77 -19.24
C LEU A 160 16.38 -6.13 -18.01
C LEU A 160 15.94 -6.15 -18.23
N TYR A 161 17.00 -6.97 -17.17
N TYR A 161 16.63 -6.98 -17.44
CA TYR A 161 17.78 -6.45 -16.05
CA TYR A 161 17.54 -6.48 -16.43
C TYR A 161 18.81 -5.44 -16.54
C TYR A 161 18.59 -5.58 -17.04
N ASP A 162 19.58 -5.81 -17.58
N ASP A 162 19.22 -6.02 -18.13
CA ASP A 162 20.62 -4.92 -18.09
CA ASP A 162 20.27 -5.19 -18.75
C ASP A 162 20.02 -3.62 -18.61
C ASP A 162 19.71 -3.83 -19.17
N LYS A 163 18.85 -3.70 -19.23
N LYS A 163 18.49 -3.83 -19.74
CA LYS A 163 18.19 -2.48 -19.71
CA LYS A 163 17.84 -2.59 -20.18
C LYS A 163 17.71 -1.61 -18.57
C LYS A 163 17.47 -1.70 -18.99
N LEU A 164 17.19 -2.23 -17.50
N LEU A 164 16.97 -2.30 -17.90
CA LEU A 164 16.72 -1.46 -16.35
CA LEU A 164 16.62 -1.52 -16.71
C LEU A 164 17.87 -0.72 -15.68
C LEU A 164 17.84 -0.81 -16.13
N VAL A 165 19.01 -1.39 -15.52
N VAL A 165 18.99 -1.51 -16.05
CA VAL A 165 20.17 -0.76 -14.91
CA VAL A 165 20.21 -0.89 -15.54
C VAL A 165 20.69 0.36 -15.81
C VAL A 165 20.63 0.27 -16.43
N SER A 166 20.89 0.06 -17.09
N SER A 166 20.77 0.03 -17.74
CA SER A 166 21.56 1.00 -17.98
CA SER A 166 21.31 1.06 -18.64
C SER A 166 20.72 2.25 -18.23
C SER A 166 20.41 2.28 -18.78
N SER A 167 19.41 2.17 -18.07
N SER A 167 19.12 2.17 -18.49
CA SER A 167 18.54 3.31 -18.28
CA SER A 167 18.21 3.30 -18.60
C SER A 167 18.12 4.01 -16.99
C SER A 167 17.82 3.93 -17.28
N PHE A 168 18.59 3.55 -15.84
N PHE A 168 18.38 3.49 -16.15
CA PHE A 168 18.10 4.09 -14.57
CA PHE A 168 17.94 4.02 -14.86
C PHE A 168 18.66 5.49 -14.35
C PHE A 168 18.49 5.43 -14.66
N LEU A 169 17.77 6.43 -14.03
N LEU A 169 17.62 6.34 -14.25
CA LEU A 169 18.19 7.79 -13.72
CA LEU A 169 18.09 7.70 -13.95
C LEU A 169 18.35 7.96 -12.21
C LEU A 169 18.35 7.85 -12.46
N SER B 1 -31.39 6.77 -2.72
N SER B 1 -31.42 6.64 -2.63
CA SER B 1 -30.71 7.13 -1.46
CA SER B 1 -30.68 7.00 -1.38
C SER B 1 -29.47 7.98 -1.69
C SER B 1 -29.45 7.87 -1.62
N MET B 2 -29.19 8.82 -0.71
N MET B 2 -29.21 8.72 -0.64
CA MET B 2 -28.08 9.75 -0.75
CA MET B 2 -28.18 9.75 -0.65
C MET B 2 -26.99 9.22 0.15
C MET B 2 -26.99 9.27 0.20
N VAL B 3 -25.86 8.95 -0.45
CA VAL B 3 -24.64 8.58 0.25
C VAL B 3 -23.53 9.49 -0.31
N ASN B 4 -22.50 9.69 0.50
CA ASN B 4 -21.36 10.52 0.12
C ASN B 4 -21.81 11.90 -0.37
N SER B 5 -22.77 12.48 0.33
N SER B 5 -22.76 12.50 0.37
CA SER B 5 -23.32 13.78 -0.04
CA SER B 5 -23.34 13.79 -0.01
C SER B 5 -22.63 14.86 0.80
C SER B 5 -22.65 14.92 0.75
N PHE B 6 -21.38 15.12 0.40
CA PHE B 6 -20.54 16.12 1.02
C PHE B 6 -20.93 17.49 0.50
N SER B 7 -21.09 18.44 1.45
N SER B 7 -21.11 18.47 1.36
CA SER B 7 -21.50 19.80 1.15
CA SER B 7 -21.49 19.82 0.94
C SER B 7 -20.79 20.79 2.06
C SER B 7 -20.77 20.88 1.75
N GLY B 8 -20.52 21.98 1.52
N GLY B 8 -20.41 21.98 1.07
CA GLY B 8 -19.89 23.04 2.28
CA GLY B 8 -19.83 23.14 1.70
C GLY B 8 -18.41 22.90 2.47
C GLY B 8 -18.38 22.97 2.06
N TYR B 9 -17.74 22.08 1.67
N TYR B 9 -17.67 22.06 1.39
CA TYR B 9 -16.30 21.90 1.79
CA TYR B 9 -16.24 21.92 1.59
C TYR B 9 -15.56 22.90 0.91
C TYR B 9 -15.48 22.90 0.71
N LEU B 10 -14.40 23.31 1.39
N LEU B 10 -14.34 23.31 1.23
CA LEU B 10 -13.50 24.18 0.65
CA LEU B 10 -13.40 24.17 0.50
C LEU B 10 -12.46 23.32 -0.04
C LEU B 10 -12.37 23.28 -0.18
N LYS B 11 -12.25 23.58 -1.33
N LYS B 11 -12.23 23.46 -1.49
CA LYS B 11 -11.31 22.82 -2.14
CA LYS B 11 -11.26 22.73 -2.28
C LYS B 11 -9.88 23.29 -1.88
C LYS B 11 -9.86 23.25 -1.99
N LEU B 12 -8.98 22.36 -1.53
CA LEU B 12 -7.56 22.68 -1.37
C LEU B 12 -6.74 22.22 -2.57
N THR B 13 -6.99 21.01 -3.04
CA THR B 13 -6.37 20.48 -4.24
C THR B 13 -7.47 19.78 -5.02
N ASP B 14 -7.12 19.17 -6.15
CA ASP B 14 -8.13 18.48 -6.95
C ASP B 14 -8.78 17.34 -6.19
N ASN B 15 -8.15 16.82 -5.12
CA ASN B 15 -8.70 15.68 -4.41
C ASN B 15 -8.83 15.87 -2.90
N VAL B 16 -8.40 17.00 -2.35
CA VAL B 16 -8.46 17.24 -0.90
C VAL B 16 -9.36 18.43 -0.64
N TYR B 17 -10.35 18.22 0.23
CA TYR B 17 -11.37 19.19 0.58
C TYR B 17 -11.43 19.30 2.09
N ILE B 18 -11.86 20.45 2.61
CA ILE B 18 -11.81 20.69 4.05
C ILE B 18 -13.04 21.49 4.48
N LYS B 19 -13.51 21.22 5.70
CA LYS B 19 -14.68 21.87 6.25
C LYS B 19 -14.53 21.99 7.77
N ASN B 20 -15.04 23.10 8.34
N ASN B 20 -15.02 23.11 8.29
CA ASN B 20 -15.12 23.27 9.80
CA ASN B 20 -15.14 23.28 9.74
C ASN B 20 -16.40 22.58 10.25
C ASN B 20 -16.41 22.53 10.15
N ALA B 21 -16.25 21.37 10.79
CA ALA B 21 -17.38 20.51 11.09
C ALA B 21 -16.97 19.49 12.16
N ASP B 22 -17.97 19.03 12.91
CA ASP B 22 -17.86 17.90 13.83
C ASP B 22 -18.01 16.62 13.01
N ILE B 23 -16.96 15.78 13.02
CA ILE B 23 -16.92 14.61 12.12
C ILE B 23 -18.07 13.64 12.39
N VAL B 24 -18.53 13.53 13.64
CA VAL B 24 -19.68 12.65 13.92
C VAL B 24 -20.94 13.20 13.27
N GLU B 25 -21.21 14.49 13.48
CA GLU B 25 -22.37 15.11 12.84
C GLU B 25 -22.27 15.06 11.33
N GLU B 26 -21.07 15.29 10.80
CA GLU B 26 -20.85 15.18 9.36
C GLU B 26 -21.16 13.78 8.86
N ALA B 27 -20.64 12.76 9.56
CA ALA B 27 -20.88 11.39 9.13
C ALA B 27 -22.38 11.08 9.07
N LYS B 28 -23.12 11.53 10.08
CA LYS B 28 -24.56 11.23 10.10
C LYS B 28 -25.30 11.93 8.97
N LYS B 29 -24.80 13.08 8.54
N LYS B 29 -24.83 13.11 8.56
CA LYS B 29 -25.46 13.82 7.48
CA LYS B 29 -25.45 13.89 7.49
C LYS B 29 -25.05 13.37 6.09
C LYS B 29 -25.05 13.38 6.10
N VAL B 30 -23.74 13.19 5.88
CA VAL B 30 -23.17 12.86 4.57
C VAL B 30 -23.45 11.42 4.18
N LYS B 31 -23.58 10.54 5.15
N LYS B 31 -23.58 10.55 5.15
CA LYS B 31 -23.70 9.09 4.93
CA LYS B 31 -23.73 9.13 4.93
C LYS B 31 -22.55 8.57 4.06
C LYS B 31 -22.58 8.59 4.06
N PRO B 32 -21.32 8.71 4.53
CA PRO B 32 -20.18 8.30 3.71
C PRO B 32 -20.02 6.79 3.66
N THR B 33 -19.44 6.32 2.56
CA THR B 33 -19.03 4.93 2.48
C THR B 33 -17.97 4.62 3.53
N VAL B 34 -17.05 5.56 3.76
CA VAL B 34 -15.92 5.35 4.67
C VAL B 34 -15.77 6.55 5.57
N VAL B 35 -15.76 6.34 6.88
CA VAL B 35 -15.26 7.33 7.83
C VAL B 35 -13.95 6.81 8.41
N VAL B 36 -12.96 7.69 8.50
CA VAL B 36 -11.67 7.33 9.07
C VAL B 36 -11.67 7.61 10.57
N ASN B 37 -11.18 6.64 11.34
CA ASN B 37 -10.92 6.81 12.76
C ASN B 37 -9.43 7.04 12.99
N ALA B 38 -9.14 7.98 13.89
CA ALA B 38 -7.80 8.23 14.40
C ALA B 38 -7.51 7.19 15.49
N ALA B 39 -7.15 5.99 15.04
CA ALA B 39 -7.00 4.81 15.90
C ALA B 39 -5.60 4.70 16.50
N ASN B 40 -5.49 3.84 17.50
CA ASN B 40 -4.22 3.34 18.01
C ASN B 40 -4.13 1.84 17.73
N VAL B 41 -2.95 1.26 17.99
CA VAL B 41 -2.68 -0.09 17.52
C VAL B 41 -3.58 -1.14 18.16
N TYR B 42 -4.08 -0.89 19.38
CA TYR B 42 -4.97 -1.84 20.04
C TYR B 42 -6.44 -1.45 19.90
N LEU B 43 -6.75 -0.47 19.06
CA LEU B 43 -8.12 -0.05 18.80
C LEU B 43 -8.87 0.22 20.11
N LYS B 44 -8.20 0.92 21.03
CA LYS B 44 -8.81 1.35 22.28
C LYS B 44 -9.25 2.80 22.07
N HIS B 45 -10.56 3.00 21.93
CA HIS B 45 -11.12 4.26 21.45
C HIS B 45 -11.50 5.15 22.63
N GLY B 46 -10.47 5.69 23.27
CA GLY B 46 -10.69 6.45 24.49
C GLY B 46 -10.99 7.93 24.32
N GLY B 47 -10.18 8.61 23.52
CA GLY B 47 -10.14 10.06 23.53
C GLY B 47 -10.23 10.60 22.11
N GLY B 48 -10.34 11.93 22.01
CA GLY B 48 -10.34 12.56 20.71
C GLY B 48 -11.38 12.00 19.77
N VAL B 49 -10.99 11.91 18.49
CA VAL B 49 -11.90 11.42 17.46
C VAL B 49 -12.39 10.02 17.78
N ALA B 50 -11.49 9.13 18.19
CA ALA B 50 -11.90 7.74 18.40
C ALA B 50 -12.92 7.63 19.51
N GLY B 51 -12.74 8.39 20.59
CA GLY B 51 -13.72 8.38 21.66
C GLY B 51 -15.07 8.88 21.19
N ALA B 52 -15.08 9.93 20.38
CA ALA B 52 -16.33 10.49 19.87
C ALA B 52 -17.03 9.52 18.94
N LEU B 53 -16.28 8.92 18.01
CA LEU B 53 -16.91 7.96 17.09
C LEU B 53 -17.48 6.78 17.88
N ASN B 54 -16.69 6.23 18.81
CA ASN B 54 -17.17 5.07 19.56
C ASN B 54 -18.41 5.41 20.37
N LYS B 55 -18.41 6.58 21.02
CA LYS B 55 -19.58 7.00 21.79
C LYS B 55 -20.82 7.08 20.90
N ALA B 56 -20.67 7.60 19.68
CA ALA B 56 -21.81 7.74 18.78
C ALA B 56 -22.40 6.37 18.45
N THR B 57 -21.56 5.31 18.42
CA THR B 57 -22.02 3.96 18.17
C THR B 57 -22.51 3.26 19.43
N ASN B 58 -22.62 3.96 20.55
CA ASN B 58 -23.05 3.35 21.79
C ASN B 58 -22.14 2.17 22.18
N ASN B 59 -20.83 2.32 21.93
CA ASN B 59 -19.78 1.36 22.30
C ASN B 59 -19.74 0.14 21.38
N ALA B 60 -20.59 0.07 20.35
CA ALA B 60 -20.53 -1.07 19.45
C ALA B 60 -19.20 -1.14 18.72
N MET B 61 -18.62 0.02 18.39
CA MET B 61 -17.31 0.03 17.73
C MET B 61 -16.25 -0.61 18.62
N GLN B 62 -16.28 -0.31 19.93
CA GLN B 62 -15.27 -0.87 20.83
C GLN B 62 -15.43 -2.37 20.96
N VAL B 63 -16.67 -2.87 21.08
CA VAL B 63 -16.88 -4.30 21.18
C VAL B 63 -16.35 -5.00 19.95
N GLU B 64 -16.70 -4.48 18.77
CA GLU B 64 -16.22 -5.06 17.51
C GLU B 64 -14.71 -5.00 17.42
N SER B 65 -14.13 -3.89 17.86
CA SER B 65 -12.68 -3.70 17.80
C SER B 65 -11.96 -4.70 18.71
N ASP B 66 -12.48 -4.92 19.92
CA ASP B 66 -11.83 -5.87 20.83
C ASP B 66 -11.86 -7.29 20.24
N ASP B 67 -12.96 -7.67 19.58
CA ASP B 67 -13.02 -8.95 18.90
C ASP B 67 -12.00 -9.03 17.76
N TYR B 68 -11.87 -7.95 16.98
CA TYR B 68 -10.87 -7.92 15.91
C TYR B 68 -9.46 -8.14 16.48
N ILE B 69 -9.15 -7.47 17.60
CA ILE B 69 -7.82 -7.61 18.20
C ILE B 69 -7.60 -9.03 18.71
N ALA B 70 -8.62 -9.63 19.32
CA ALA B 70 -8.47 -11.00 19.79
C ALA B 70 -8.09 -11.93 18.66
N THR B 71 -8.67 -11.73 17.48
CA THR B 71 -8.44 -12.60 16.34
C THR B 71 -7.13 -12.28 15.63
N ASN B 72 -6.77 -11.00 15.52
CA ASN B 72 -5.73 -10.55 14.61
C ASN B 72 -4.51 -9.96 15.29
N GLY B 73 -4.60 -9.58 16.56
CA GLY B 73 -3.53 -8.87 17.20
C GLY B 73 -3.52 -7.41 16.81
N PRO B 74 -2.60 -6.64 17.41
CA PRO B 74 -2.56 -5.20 17.19
C PRO B 74 -2.14 -4.85 15.77
N LEU B 75 -2.57 -3.67 15.33
CA LEU B 75 -2.11 -3.09 14.09
C LEU B 75 -0.66 -2.61 14.24
N LYS B 76 -0.05 -2.26 13.12
CA LYS B 76 1.21 -1.56 13.09
C LYS B 76 0.95 -0.05 13.08
N VAL B 77 1.84 0.73 13.70
CA VAL B 77 1.81 2.18 13.48
C VAL B 77 2.03 2.42 12.00
N GLY B 78 1.14 3.20 11.38
CA GLY B 78 1.14 3.40 9.94
C GLY B 78 0.18 2.50 9.20
N GLY B 79 -0.40 1.52 9.88
CA GLY B 79 -1.31 0.57 9.28
C GLY B 79 -2.77 0.91 9.53
N SER B 80 -3.64 0.02 9.04
CA SER B 80 -5.08 0.23 9.14
C SER B 80 -5.84 -1.08 9.09
N CYS B 81 -7.11 -1.02 9.46
CA CYS B 81 -8.04 -2.11 9.16
C CYS B 81 -9.41 -1.50 8.88
N VAL B 82 -10.21 -2.26 8.13
CA VAL B 82 -11.57 -1.89 7.79
C VAL B 82 -12.53 -2.67 8.68
N LEU B 83 -13.40 -1.96 9.40
CA LEU B 83 -14.44 -2.55 10.22
C LEU B 83 -15.76 -1.87 9.88
N SER B 84 -16.82 -2.26 10.57
CA SER B 84 -18.13 -1.64 10.31
C SER B 84 -18.12 -0.16 10.67
N GLY B 85 -18.93 0.61 9.95
CA GLY B 85 -19.19 1.99 10.28
C GLY B 85 -20.41 2.22 11.14
N HIS B 86 -21.14 1.16 11.52
CA HIS B 86 -22.24 1.28 12.51
C HIS B 86 -23.25 2.32 12.03
N ASN B 87 -23.59 3.31 12.84
CA ASN B 87 -24.54 4.36 12.48
C ASN B 87 -23.86 5.56 11.83
N LEU B 88 -22.58 5.44 11.48
CA LEU B 88 -21.80 6.57 10.95
C LEU B 88 -21.48 6.46 9.48
N ALA B 89 -21.33 5.24 8.97
CA ALA B 89 -20.81 5.04 7.63
C ALA B 89 -21.00 3.56 7.30
N LYS B 90 -20.83 3.22 6.03
CA LYS B 90 -20.79 1.80 5.69
C LYS B 90 -19.63 1.13 6.40
N HIS B 91 -18.44 1.73 6.30
CA HIS B 91 -17.22 1.20 6.89
C HIS B 91 -16.52 2.27 7.72
N CYS B 92 -15.80 1.82 8.74
CA CYS B 92 -14.81 2.66 9.41
C CYS B 92 -13.42 2.14 9.09
N LEU B 93 -12.60 3.01 8.51
CA LEU B 93 -11.19 2.72 8.29
C LEU B 93 -10.41 3.21 9.50
N HIS B 94 -9.94 2.28 10.33
CA HIS B 94 -9.16 2.59 11.52
C HIS B 94 -7.71 2.74 11.09
N VAL B 95 -7.18 3.96 11.13
CA VAL B 95 -5.83 4.24 10.66
C VAL B 95 -4.99 4.71 11.85
N VAL B 96 -3.81 4.12 11.99
CA VAL B 96 -2.91 4.45 13.11
C VAL B 96 -1.82 5.40 12.60
N GLY B 97 -1.96 6.67 12.91
CA GLY B 97 -0.89 7.63 12.76
C GLY B 97 0.03 7.56 13.95
N PRO B 98 1.27 8.02 13.78
CA PRO B 98 2.18 8.11 14.92
C PRO B 98 1.69 9.11 15.95
N ASN B 99 1.87 8.75 17.20
N ASN B 99 1.80 8.72 17.23
CA ASN B 99 1.52 9.60 18.32
CA ASN B 99 1.47 9.58 18.39
C ASN B 99 2.80 10.24 18.83
C ASN B 99 2.76 10.20 18.93
N VAL B 100 3.02 11.51 18.45
N VAL B 100 3.04 11.44 18.51
CA VAL B 100 4.22 12.22 18.87
CA VAL B 100 4.23 12.19 18.96
C VAL B 100 4.24 12.39 20.38
C VAL B 100 4.20 12.40 20.47
N ASN B 101 3.08 12.50 21.01
N ASN B 101 3.01 12.50 21.09
CA ASN B 101 3.01 12.59 22.47
CA ASN B 101 2.93 12.61 22.55
C ASN B 101 3.50 11.31 23.13
C ASN B 101 3.36 11.34 23.25
N LYS B 102 3.65 10.22 22.38
N LYS B 102 3.52 10.24 22.51
CA LYS B 102 4.21 8.97 22.89
CA LYS B 102 4.08 9.00 23.01
C LYS B 102 5.58 8.67 22.29
C LYS B 102 5.47 8.74 22.45
N GLY B 103 6.21 9.65 21.67
N GLY B 103 6.03 9.72 21.73
CA GLY B 103 7.55 9.48 21.13
CA GLY B 103 7.39 9.66 21.19
C GLY B 103 7.60 8.78 19.81
C GLY B 103 7.55 8.89 19.89
N GLU B 104 6.47 8.65 19.15
CA GLU B 104 6.50 7.84 17.92
C GLU B 104 7.03 8.68 16.77
N ASP B 105 7.56 7.99 15.75
N ASP B 105 7.57 8.03 15.76
CA ASP B 105 8.25 8.69 14.67
CA ASP B 105 8.27 8.74 14.69
C ASP B 105 7.23 9.36 13.75
C ASP B 105 7.22 9.38 13.79
N ILE B 106 7.17 10.70 13.79
CA ILE B 106 6.33 11.47 12.88
C ILE B 106 6.55 11.06 11.41
N GLN B 107 7.74 10.51 11.07
N GLN B 107 7.72 10.50 11.11
CA GLN B 107 7.98 10.03 9.70
CA GLN B 107 7.99 10.03 9.76
C GLN B 107 6.97 8.97 9.27
C GLN B 107 7.01 8.95 9.30
N LEU B 108 6.34 8.24 10.21
CA LEU B 108 5.36 7.21 9.84
C LEU B 108 4.03 7.79 9.37
N LEU B 109 3.88 9.10 9.40
CA LEU B 109 2.63 9.73 9.01
C LEU B 109 2.32 9.52 7.52
N LYS B 110 3.34 9.53 6.66
CA LYS B 110 3.09 9.30 5.24
C LYS B 110 2.52 7.90 5.01
N SER B 111 3.13 6.88 5.63
CA SER B 111 2.59 5.52 5.54
C SER B 111 1.15 5.48 6.00
N ALA B 112 0.83 6.17 7.09
CA ALA B 112 -0.55 6.16 7.59
C ALA B 112 -1.50 6.73 6.53
N TYR B 113 -1.15 7.87 5.94
CA TYR B 113 -2.02 8.46 4.92
C TYR B 113 -2.14 7.58 3.67
N GLU B 114 -1.12 6.78 3.34
CA GLU B 114 -1.22 5.93 2.16
C GLU B 114 -2.40 4.98 2.25
N ASN B 115 -2.85 4.63 3.46
CA ASN B 115 -4.03 3.77 3.58
C ASN B 115 -5.25 4.40 2.92
N PHE B 116 -5.33 5.73 2.90
CA PHE B 116 -6.49 6.38 2.32
C PHE B 116 -6.61 6.07 0.83
N ASN B 117 -5.49 5.79 0.15
CA ASN B 117 -5.52 5.55 -1.30
C ASN B 117 -6.23 4.27 -1.68
N GLN B 118 -6.56 3.42 -0.73
CA GLN B 118 -7.31 2.20 -1.01
C GLN B 118 -8.83 2.43 -1.04
N HIS B 119 -9.28 3.68 -0.93
CA HIS B 119 -10.70 4.02 -0.89
C HIS B 119 -10.93 5.22 -1.78
N GLU B 120 -11.95 5.15 -2.65
N GLU B 120 -11.95 5.14 -2.64
CA GLU B 120 -12.13 6.22 -3.63
CA GLU B 120 -12.16 6.19 -3.63
C GLU B 120 -12.55 7.53 -2.99
C GLU B 120 -12.58 7.51 -3.00
N VAL B 121 -13.32 7.47 -1.90
CA VAL B 121 -13.77 8.67 -1.20
C VAL B 121 -13.89 8.37 0.29
N LEU B 122 -13.43 9.32 1.12
CA LEU B 122 -13.41 9.16 2.58
C LEU B 122 -13.75 10.46 3.27
N LEU B 123 -14.44 10.36 4.41
CA LEU B 123 -14.56 11.42 5.39
C LEU B 123 -13.52 11.16 6.47
N ALA B 124 -12.69 12.16 6.79
CA ALA B 124 -11.55 11.87 7.64
C ALA B 124 -11.18 13.04 8.55
N PRO B 125 -10.52 12.74 9.67
CA PRO B 125 -9.81 13.77 10.44
C PRO B 125 -8.36 13.86 9.95
N LEU B 126 -7.67 14.89 10.40
CA LEU B 126 -6.22 14.99 10.16
C LEU B 126 -5.49 13.99 11.06
N LEU B 127 -4.72 13.11 10.44
CA LEU B 127 -4.04 12.07 11.20
C LEU B 127 -2.91 12.67 12.06
N SER B 128 -2.72 12.06 13.22
CA SER B 128 -1.69 12.41 14.20
C SER B 128 -1.89 13.80 14.79
N ALA B 129 -3.00 14.48 14.49
CA ALA B 129 -3.30 15.78 15.09
C ALA B 129 -3.91 15.62 16.47
N GLY B 130 -4.19 16.76 17.10
CA GLY B 130 -4.92 16.75 18.36
C GLY B 130 -4.18 16.02 19.43
N ILE B 131 -4.86 15.05 20.05
CA ILE B 131 -4.27 14.35 21.19
C ILE B 131 -3.07 13.51 20.78
N PHE B 132 -2.85 13.29 19.48
CA PHE B 132 -1.67 12.58 19.01
C PHE B 132 -0.43 13.49 18.91
N GLY B 133 -0.59 14.83 18.97
CA GLY B 133 0.51 15.75 19.21
C GLY B 133 1.32 16.23 18.02
N ALA B 134 1.00 15.82 16.80
CA ALA B 134 1.70 16.36 15.64
C ALA B 134 1.13 17.73 15.28
N ASP B 135 1.93 18.50 14.56
CA ASP B 135 1.49 19.80 14.05
C ASP B 135 0.42 19.56 13.00
N PRO B 136 -0.81 20.06 13.18
CA PRO B 136 -1.85 19.82 12.16
C PRO B 136 -1.50 20.42 10.81
N ILE B 137 -0.71 21.50 10.77
CA ILE B 137 -0.27 22.06 9.49
C ILE B 137 0.57 21.04 8.74
N HIS B 138 1.44 20.36 9.46
CA HIS B 138 2.23 19.30 8.85
C HIS B 138 1.37 18.12 8.42
N SER B 139 0.38 17.76 9.22
CA SER B 139 -0.47 16.65 8.84
C SER B 139 -1.21 16.95 7.56
N LEU B 140 -1.70 18.20 7.41
CA LEU B 140 -2.37 18.58 6.17
C LEU B 140 -1.41 18.50 4.99
N ARG B 141 -0.17 18.95 5.18
CA ARG B 141 0.87 18.86 4.15
C ARG B 141 1.06 17.42 3.69
N VAL B 142 1.26 16.52 4.64
CA VAL B 142 1.46 15.12 4.28
C VAL B 142 0.21 14.56 3.60
N CYS B 143 -0.97 14.92 4.09
CA CYS B 143 -2.20 14.48 3.44
C CYS B 143 -2.21 14.87 1.97
N VAL B 144 -2.01 16.16 1.70
CA VAL B 144 -2.06 16.64 0.32
C VAL B 144 -1.01 15.99 -0.55
N ASP B 145 0.16 15.72 0.00
CA ASP B 145 1.26 15.19 -0.77
C ASP B 145 1.22 13.67 -0.87
N THR B 146 0.28 13.00 -0.21
CA THR B 146 0.21 11.55 -0.20
C THR B 146 -1.09 10.98 -0.73
N VAL B 147 -2.21 11.57 -0.35
CA VAL B 147 -3.52 11.04 -0.73
C VAL B 147 -3.85 11.50 -2.13
N ARG B 148 -4.27 10.56 -2.97
CA ARG B 148 -4.69 10.84 -4.33
C ARG B 148 -6.18 10.59 -4.55
N THR B 149 -6.83 9.84 -3.66
CA THR B 149 -8.27 9.64 -3.70
C THR B 149 -8.97 10.84 -3.05
N ASN B 150 -10.29 10.85 -3.08
CA ASN B 150 -11.03 12.02 -2.66
C ASN B 150 -11.22 12.01 -1.15
N VAL B 151 -10.59 12.94 -0.46
CA VAL B 151 -10.64 13.00 1.00
C VAL B 151 -11.26 14.32 1.43
N TYR B 152 -12.28 14.19 2.29
CA TYR B 152 -13.06 15.27 2.86
C TYR B 152 -12.68 15.36 4.33
N LEU B 153 -11.92 16.39 4.68
CA LEU B 153 -11.38 16.57 6.03
C LEU B 153 -12.34 17.42 6.86
N ALA B 154 -12.66 16.92 8.05
CA ALA B 154 -13.48 17.64 9.02
C ALA B 154 -12.59 18.13 10.16
N VAL B 155 -12.61 19.43 10.38
CA VAL B 155 -11.83 20.09 11.42
C VAL B 155 -12.80 20.76 12.37
N PHE B 156 -12.81 20.32 13.63
CA PHE B 156 -13.83 20.76 14.58
C PHE B 156 -13.68 22.22 14.97
N ASP B 157 -12.48 22.65 15.34
CA ASP B 157 -12.31 23.99 15.86
C ASP B 157 -12.17 25.00 14.73
N LYS B 158 -13.07 25.97 14.72
N LYS B 158 -13.10 25.99 14.64
CA LYS B 158 -13.05 27.01 13.69
CA LYS B 158 -13.06 27.04 13.61
C LYS B 158 -11.70 27.70 13.60
C LYS B 158 -11.70 27.74 13.57
N ASN B 159 -11.08 27.96 14.73
CA ASN B 159 -9.82 28.67 14.76
C ASN B 159 -8.67 27.83 14.20
N LEU B 160 -8.69 26.50 14.41
CA LEU B 160 -7.70 25.66 13.74
C LEU B 160 -7.98 25.57 12.25
N TYR B 161 -9.26 25.44 11.88
CA TYR B 161 -9.64 25.45 10.45
C TYR B 161 -9.06 26.67 9.77
N ASP B 162 -9.28 27.85 10.36
CA ASP B 162 -8.77 29.08 9.77
C ASP B 162 -7.24 29.08 9.66
N LYS B 163 -6.55 28.57 10.68
CA LYS B 163 -5.09 28.49 10.63
C LYS B 163 -4.63 27.56 9.51
N LEU B 164 -5.32 26.43 9.34
CA LEU B 164 -4.98 25.48 8.28
C LEU B 164 -5.23 26.07 6.89
N VAL B 165 -6.40 26.67 6.67
CA VAL B 165 -6.75 27.19 5.35
C VAL B 165 -5.86 28.38 5.01
N SER B 166 -5.74 29.30 5.97
CA SER B 166 -5.08 30.58 5.72
C SER B 166 -3.60 30.38 5.42
N SER B 167 -2.99 29.32 5.98
CA SER B 167 -1.57 29.03 5.78
C SER B 167 -1.29 28.00 4.68
N PHE B 168 -2.31 27.36 4.11
CA PHE B 168 -2.08 26.33 3.09
C PHE B 168 -1.49 26.96 1.83
N LEU B 169 -1.94 28.17 1.52
CA LEU B 169 -1.51 28.90 0.33
C LEU B 169 -1.44 30.41 0.53
#